data_4I41
#
_entry.id   4I41
#
_cell.length_a   98.652
_cell.length_b   98.652
_cell.length_c   80.924
_cell.angle_alpha   90.000
_cell.angle_beta   90.000
_cell.angle_gamma   120.000
#
_symmetry.space_group_name_H-M   'P 65'
#
loop_
_entity.id
_entity.type
_entity.pdbx_description
1 polymer 'Serine/threonine-protein kinase pim-1'
2 non-polymer 1,4-DIHYDROXY-5,8-BIS({2-[(2-HYDROXYETHYL)AMINO]ETHYL}AMINO)-9,10-ANTHRACENEDIONE
3 water water
#
_entity_poly.entity_id   1
_entity_poly.type   'polypeptide(L)'
_entity_poly.pdbx_seq_one_letter_code
;GPHMKEKEPLESQYQVGPLLGSGGFGSVYSGIRVSDNLPVAIKHVEKDRISDWGELPNGTRVPMEVVLLKKVSSGFSGVI
RLLDWFERPDSFVLILERPEPVQDLFDFITERGALQEELARSFFWQVLEAVRHCHNCGVLHRDIKDENILIDLNRGELKL
IDFGSGALLKDTVYTDFDGTRVYSPPEWIRYHRYHGRSAAVWSLGILLYDMVCGDIPFEHDEEIIRGQVFFRQRVS
(SEP)ECQHLIRWCLALRPSDRPTFEEIQNHPWMQDVLLPQETAEIHLH
;
_entity_poly.pdbx_strand_id   A
#
loop_
_chem_comp.id
_chem_comp.type
_chem_comp.name
_chem_comp.formula
MIX non-polymer 1,4-DIHYDROXY-5,8-BIS({2-[(2-HYDROXYETHYL)AMINO]ETHYL}AMINO)-9,10-ANTHRACENEDIONE 'C22 H28 N4 O6'
#
# COMPACT_ATOMS: atom_id res chain seq x y z
N PRO A 9 -25.08 -14.79 -11.04
CA PRO A 9 -24.77 -15.07 -9.65
C PRO A 9 -24.17 -13.86 -8.91
N LEU A 10 -23.72 -12.86 -9.67
CA LEU A 10 -23.02 -11.73 -9.08
C LEU A 10 -23.92 -10.65 -8.48
N GLU A 11 -24.88 -10.14 -9.26
CA GLU A 11 -25.77 -9.05 -8.79
C GLU A 11 -26.87 -9.57 -7.88
N SER A 12 -26.94 -10.89 -7.72
CA SER A 12 -27.88 -11.54 -6.79
C SER A 12 -27.26 -11.81 -5.42
N GLN A 13 -25.94 -12.00 -5.38
CA GLN A 13 -25.26 -12.31 -4.13
C GLN A 13 -24.78 -11.05 -3.38
N TYR A 14 -24.58 -9.97 -4.14
CA TYR A 14 -24.11 -8.69 -3.60
C TYR A 14 -24.98 -7.51 -4.03
N GLN A 15 -25.26 -6.63 -3.07
CA GLN A 15 -26.01 -5.41 -3.31
C GLN A 15 -25.10 -4.16 -3.35
N VAL A 16 -25.01 -3.59 -4.55
CA VAL A 16 -24.18 -2.42 -4.80
C VAL A 16 -24.71 -1.20 -4.05
N GLY A 17 -23.80 -0.45 -3.42
CA GLY A 17 -24.10 0.88 -2.92
C GLY A 17 -23.42 1.97 -3.74
N PRO A 18 -23.12 3.11 -3.12
CA PRO A 18 -22.47 4.27 -3.76
C PRO A 18 -21.08 3.96 -4.34
N LEU A 19 -20.72 4.65 -5.42
CA LEU A 19 -19.36 4.54 -5.95
C LEU A 19 -18.39 5.10 -4.91
N LEU A 20 -17.31 4.35 -4.61
CA LEU A 20 -16.23 4.82 -3.69
C LEU A 20 -15.04 5.51 -4.36
N GLY A 21 -14.64 5.07 -5.56
CA GLY A 21 -13.52 5.70 -6.32
C GLY A 21 -13.50 5.32 -7.79
N SER A 22 -12.66 5.98 -8.56
CA SER A 22 -12.41 5.56 -9.91
C SER A 22 -11.21 6.29 -10.47
N GLY A 23 -10.58 5.71 -11.48
CA GLY A 23 -9.36 6.29 -12.04
C GLY A 23 -8.68 5.27 -12.93
N GLY A 24 -7.36 5.29 -12.92
CA GLY A 24 -6.56 4.33 -13.69
C GLY A 24 -6.88 2.87 -13.39
N PHE A 25 -7.09 2.56 -12.11
CA PHE A 25 -7.37 1.20 -11.62
C PHE A 25 -8.81 0.69 -11.88
N GLY A 26 -9.69 1.56 -12.40
CA GLY A 26 -11.09 1.19 -12.60
C GLY A 26 -12.06 1.90 -11.65
N SER A 27 -13.07 1.15 -11.20
CA SER A 27 -14.16 1.68 -10.36
C SER A 27 -14.42 0.82 -9.14
N VAL A 28 -14.65 1.46 -8.01
CA VAL A 28 -14.84 0.71 -6.76
C VAL A 28 -16.14 1.18 -6.12
N TYR A 29 -17.01 0.24 -5.72
CA TYR A 29 -18.30 0.58 -5.11
C TYR A 29 -18.43 -0.03 -3.74
N SER A 30 -19.23 0.64 -2.90
CA SER A 30 -19.57 0.11 -1.60
C SER A 30 -20.52 -1.01 -1.85
N GLY A 31 -20.52 -2.02 -0.99
CA GLY A 31 -21.31 -3.20 -1.24
C GLY A 31 -21.72 -3.85 0.05
N ILE A 32 -22.80 -4.62 -0.02
CA ILE A 32 -23.20 -5.45 1.10
C ILE A 32 -23.34 -6.86 0.57
N ARG A 33 -22.93 -7.84 1.35
CA ARG A 33 -23.16 -9.22 1.02
C ARG A 33 -24.47 -9.56 1.66
N VAL A 34 -25.32 -10.26 0.93
CA VAL A 34 -26.64 -10.58 1.40
C VAL A 34 -26.61 -11.68 2.41
N SER A 35 -25.81 -12.69 2.12
CA SER A 35 -25.57 -13.81 2.99
C SER A 35 -25.55 -13.41 4.44
N ASP A 36 -25.00 -12.24 4.71
CA ASP A 36 -24.89 -11.69 6.04
C ASP A 36 -24.35 -10.34 5.72
N ASN A 37 -24.73 -9.33 6.42
CA ASN A 37 -24.53 -7.98 5.91
C ASN A 37 -23.11 -7.39 5.96
N LEU A 38 -22.10 -8.21 5.63
CA LEU A 38 -20.71 -7.74 5.70
C LEU A 38 -20.47 -6.72 4.66
N PRO A 39 -19.93 -5.59 5.11
CA PRO A 39 -19.46 -4.56 4.20
C PRO A 39 -18.45 -5.20 3.25
N VAL A 40 -18.56 -4.88 1.96
CA VAL A 40 -17.57 -5.30 0.95
C VAL A 40 -17.30 -4.13 0.02
N ALA A 41 -16.19 -4.23 -0.70
CA ALA A 41 -15.95 -3.34 -1.81
C ALA A 41 -16.05 -4.14 -3.11
N ILE A 42 -16.64 -3.54 -4.13
CA ILE A 42 -16.79 -4.19 -5.43
C ILE A 42 -15.90 -3.47 -6.45
N LYS A 43 -14.86 -4.17 -6.93
CA LYS A 43 -13.88 -3.55 -7.82
C LYS A 43 -13.99 -4.01 -9.27
N HIS A 44 -14.35 -3.08 -10.15
CA HIS A 44 -14.48 -3.39 -11.57
C HIS A 44 -13.20 -3.00 -12.25
N VAL A 45 -12.60 -3.96 -12.94
CA VAL A 45 -11.47 -3.70 -13.83
C VAL A 45 -11.83 -4.16 -15.22
N GLU A 46 -11.61 -3.29 -16.20
CA GLU A 46 -11.92 -3.58 -17.58
C GLU A 46 -10.80 -4.35 -18.26
N LYS A 47 -11.15 -5.47 -18.90
CA LYS A 47 -10.20 -6.32 -19.64
C LYS A 47 -9.22 -5.57 -20.52
N ASP A 48 -9.71 -4.56 -21.22
CA ASP A 48 -8.94 -3.76 -22.16
C ASP A 48 -7.78 -3.06 -21.51
N ARG A 49 -7.92 -2.71 -20.24
CA ARG A 49 -6.87 -1.97 -19.56
C ARG A 49 -5.95 -2.84 -18.72
N ILE A 50 -6.09 -4.15 -18.79
CA ILE A 50 -5.17 -5.03 -18.06
C ILE A 50 -3.93 -5.30 -18.90
N SER A 51 -2.79 -4.83 -18.43
CA SER A 51 -1.51 -4.99 -19.15
C SER A 51 -0.79 -6.27 -18.75
N ASP A 52 -1.31 -6.93 -17.72
CA ASP A 52 -0.55 -7.90 -16.96
C ASP A 52 -1.38 -9.04 -16.39
N TRP A 53 -1.37 -10.18 -17.08
CA TRP A 53 -2.19 -11.33 -16.68
C TRP A 53 -1.36 -12.38 -15.99
N GLY A 54 -2.02 -13.26 -15.24
CA GLY A 54 -1.39 -14.41 -14.63
C GLY A 54 -2.31 -15.61 -14.77
N GLU A 55 -2.06 -16.62 -13.95
CA GLU A 55 -2.83 -17.85 -14.00
C GLU A 55 -2.85 -18.52 -12.63
N LEU A 56 -4.04 -18.89 -12.15
CA LEU A 56 -4.18 -19.50 -10.82
C LEU A 56 -3.76 -20.98 -10.84
N PRO A 57 -3.61 -21.61 -9.64
CA PRO A 57 -3.47 -23.06 -9.52
C PRO A 57 -4.21 -23.85 -10.62
N ASN A 58 -5.55 -23.87 -10.57
CA ASN A 58 -6.36 -24.57 -11.57
C ASN A 58 -6.13 -24.10 -12.99
N GLY A 59 -5.32 -23.07 -13.14
CA GLY A 59 -4.84 -22.62 -14.43
C GLY A 59 -5.81 -21.83 -15.32
N THR A 60 -6.58 -20.90 -14.75
CA THR A 60 -7.36 -19.97 -15.58
C THR A 60 -6.61 -18.68 -15.80
N ARG A 61 -6.96 -17.96 -16.86
CA ARG A 61 -6.24 -16.76 -17.28
C ARG A 61 -6.82 -15.50 -16.61
N VAL A 62 -6.21 -15.06 -15.50
CA VAL A 62 -6.76 -13.93 -14.72
C VAL A 62 -5.82 -12.70 -14.68
N PRO A 63 -6.35 -11.52 -14.28
CA PRO A 63 -5.47 -10.37 -14.07
C PRO A 63 -4.51 -10.61 -12.91
N MET A 64 -3.29 -10.10 -13.03
CA MET A 64 -2.24 -10.35 -12.05
C MET A 64 -2.71 -10.06 -10.64
N GLU A 65 -3.42 -8.93 -10.48
CA GLU A 65 -3.96 -8.49 -9.18
C GLU A 65 -4.67 -9.62 -8.45
N VAL A 66 -5.41 -10.44 -9.21
CA VAL A 66 -6.14 -11.57 -8.64
C VAL A 66 -5.18 -12.66 -8.15
N VAL A 67 -4.21 -13.01 -9.00
CA VAL A 67 -3.14 -13.93 -8.61
C VAL A 67 -2.57 -13.49 -7.27
N LEU A 68 -2.02 -12.26 -7.27
CA LEU A 68 -1.40 -11.64 -6.10
C LEU A 68 -2.33 -11.56 -4.88
N LEU A 69 -3.54 -11.02 -5.05
CA LEU A 69 -4.49 -10.97 -3.94
C LEU A 69 -4.70 -12.36 -3.34
N LYS A 70 -4.77 -13.38 -4.19
CA LYS A 70 -4.96 -14.75 -3.71
C LYS A 70 -3.80 -15.25 -2.86
N LYS A 71 -2.57 -14.88 -3.23
CA LYS A 71 -1.39 -15.37 -2.51
C LYS A 71 -1.25 -14.75 -1.11
N VAL A 72 -1.80 -13.55 -0.93
CA VAL A 72 -1.73 -12.86 0.36
C VAL A 72 -3.01 -12.95 1.21
N SER A 73 -4.08 -13.51 0.64
CA SER A 73 -5.39 -13.43 1.30
C SER A 73 -5.64 -14.50 2.33
N SER A 74 -4.68 -15.41 2.50
CA SER A 74 -4.80 -16.45 3.51
C SER A 74 -4.51 -15.90 4.88
N GLY A 75 -5.33 -16.29 5.86
CA GLY A 75 -5.15 -15.85 7.25
C GLY A 75 -5.31 -14.35 7.41
N PHE A 76 -5.04 -13.86 8.61
CA PHE A 76 -5.16 -12.44 8.92
C PHE A 76 -3.89 -11.70 8.50
N SER A 77 -4.01 -10.39 8.25
CA SER A 77 -2.86 -9.48 8.09
C SER A 77 -3.30 -8.02 7.89
N GLY A 78 -2.35 -7.16 7.54
CA GLY A 78 -2.67 -5.80 7.16
C GLY A 78 -2.97 -5.63 5.67
N VAL A 79 -3.32 -6.70 4.98
CA VAL A 79 -3.77 -6.60 3.59
C VAL A 79 -5.27 -6.91 3.47
N ILE A 80 -6.01 -6.02 2.83
CA ILE A 80 -7.41 -6.26 2.54
C ILE A 80 -7.60 -7.47 1.63
N ARG A 81 -8.41 -8.43 2.09
CA ARG A 81 -8.55 -9.75 1.46
C ARG A 81 -9.48 -9.78 0.26
N LEU A 82 -9.11 -10.58 -0.74
CA LEU A 82 -10.02 -10.89 -1.86
C LEU A 82 -11.00 -11.92 -1.36
N LEU A 83 -12.28 -11.58 -1.26
CA LEU A 83 -13.30 -12.53 -0.81
C LEU A 83 -13.82 -13.44 -1.93
N ASP A 84 -13.87 -12.89 -3.14
CA ASP A 84 -14.32 -13.61 -4.30
C ASP A 84 -14.08 -12.71 -5.51
N TRP A 85 -14.09 -13.31 -6.69
CA TRP A 85 -14.03 -12.55 -7.92
C TRP A 85 -14.92 -13.20 -8.97
N PHE A 86 -15.31 -12.41 -9.96
CA PHE A 86 -16.11 -12.85 -11.10
C PHE A 86 -15.54 -12.31 -12.39
N GLU A 87 -15.72 -13.09 -13.45
CA GLU A 87 -15.44 -12.62 -14.80
C GLU A 87 -16.71 -12.18 -15.55
N ARG A 88 -16.62 -11.12 -16.34
CA ARG A 88 -17.67 -10.72 -17.29
C ARG A 88 -17.10 -10.67 -18.70
N PRO A 89 -17.91 -10.20 -19.68
CA PRO A 89 -17.30 -10.25 -21.00
C PRO A 89 -16.21 -9.18 -21.23
N ASP A 90 -16.35 -7.98 -20.64
CA ASP A 90 -15.29 -6.96 -20.84
C ASP A 90 -14.59 -6.45 -19.61
N SER A 91 -14.87 -7.10 -18.47
CA SER A 91 -14.37 -6.66 -17.19
C SER A 91 -14.16 -7.85 -16.25
N PHE A 92 -13.35 -7.65 -15.20
CA PHE A 92 -13.31 -8.57 -14.04
C PHE A 92 -13.84 -7.82 -12.86
N VAL A 93 -14.49 -8.53 -11.95
CA VAL A 93 -15.16 -7.91 -10.81
C VAL A 93 -14.64 -8.58 -9.57
N LEU A 94 -14.12 -7.79 -8.65
CA LEU A 94 -13.48 -8.30 -7.44
C LEU A 94 -14.25 -7.88 -6.22
N ILE A 95 -14.53 -8.84 -5.34
CA ILE A 95 -15.18 -8.54 -4.06
C ILE A 95 -14.12 -8.59 -2.98
N LEU A 96 -13.98 -7.49 -2.25
CA LEU A 96 -12.94 -7.31 -1.21
C LEU A 96 -13.55 -6.91 0.13
N GLU A 97 -12.82 -7.15 1.23
CA GLU A 97 -13.23 -6.62 2.55
C GLU A 97 -13.39 -5.11 2.53
N ARG A 98 -14.34 -4.61 3.31
CA ARG A 98 -14.53 -3.17 3.56
C ARG A 98 -14.68 -2.86 5.05
N PRO A 99 -13.64 -2.28 5.67
CA PRO A 99 -13.76 -1.78 7.04
C PRO A 99 -14.84 -0.73 7.15
N GLU A 100 -15.41 -0.58 8.33
CA GLU A 100 -16.56 0.30 8.51
C GLU A 100 -16.51 0.88 9.92
N PRO A 101 -16.34 2.20 10.08
CA PRO A 101 -15.98 3.26 9.14
C PRO A 101 -14.50 3.21 8.72
N VAL A 102 -14.23 3.76 7.54
CA VAL A 102 -12.91 3.68 6.95
C VAL A 102 -12.54 5.03 6.36
N GLN A 103 -11.24 5.32 6.31
CA GLN A 103 -10.72 6.48 5.61
C GLN A 103 -9.31 6.15 5.15
N ASP A 104 -8.96 6.60 3.95
CA ASP A 104 -7.65 6.30 3.43
C ASP A 104 -6.64 7.25 4.08
N LEU A 105 -5.36 6.89 4.02
CA LEU A 105 -4.34 7.63 4.74
C LEU A 105 -4.11 8.98 4.12
N PHE A 106 -4.35 9.08 2.81
CA PHE A 106 -4.19 10.35 2.10
C PHE A 106 -5.08 11.41 2.72
N ASP A 107 -6.39 11.16 2.70
CA ASP A 107 -7.36 12.04 3.33
C ASP A 107 -7.07 12.30 4.79
N PHE A 108 -6.68 11.25 5.51
CA PHE A 108 -6.37 11.39 6.91
C PHE A 108 -5.26 12.44 7.14
N ILE A 109 -4.18 12.34 6.36
CA ILE A 109 -3.06 13.28 6.47
C ILE A 109 -3.52 14.66 5.97
N THR A 110 -4.13 14.69 4.80
CA THR A 110 -4.81 15.87 4.28
C THR A 110 -5.65 16.61 5.34
N GLU A 111 -6.45 15.88 6.13
CA GLU A 111 -7.25 16.49 7.19
C GLU A 111 -6.49 17.00 8.41
N ARG A 112 -5.53 16.24 8.93
CA ARG A 112 -4.83 16.63 10.17
C ARG A 112 -3.46 17.27 9.99
N GLY A 113 -3.04 17.48 8.74
CA GLY A 113 -1.67 17.92 8.43
C GLY A 113 -0.71 16.82 8.83
N ALA A 114 0.52 17.18 9.15
CA ALA A 114 1.52 16.22 9.65
C ALA A 114 0.99 15.43 10.85
N LEU A 115 1.48 14.20 11.03
CA LEU A 115 1.03 13.30 12.09
C LEU A 115 1.99 13.34 13.24
N GLN A 116 1.46 13.20 14.45
CA GLN A 116 2.32 13.08 15.62
C GLN A 116 3.22 11.87 15.43
N GLU A 117 4.44 11.95 15.95
CA GLU A 117 5.38 10.86 15.78
C GLU A 117 4.85 9.55 16.32
N GLU A 118 4.19 9.61 17.47
CA GLU A 118 3.66 8.39 18.06
C GLU A 118 2.65 7.71 17.12
N LEU A 119 1.83 8.53 16.47
CA LEU A 119 0.82 8.03 15.54
C LEU A 119 1.46 7.49 14.25
N ALA A 120 2.46 8.21 13.74
CA ALA A 120 3.24 7.79 12.58
C ALA A 120 3.97 6.47 12.84
N ARG A 121 4.52 6.31 14.05
CA ARG A 121 5.29 5.10 14.40
C ARG A 121 4.39 3.87 14.42
N SER A 122 3.17 4.07 14.88
CA SER A 122 2.17 3.04 14.93
C SER A 122 1.77 2.62 13.53
N PHE A 123 1.41 3.62 12.72
CA PHE A 123 0.97 3.40 11.35
C PHE A 123 2.10 2.77 10.53
N PHE A 124 3.27 3.40 10.57
CA PHE A 124 4.41 2.93 9.79
C PHE A 124 4.74 1.48 10.12
N TRP A 125 4.79 1.15 11.41
CA TRP A 125 4.99 -0.22 11.84
C TRP A 125 3.96 -1.18 11.23
N GLN A 126 2.69 -0.82 11.29
CA GLN A 126 1.69 -1.69 10.68
C GLN A 126 1.91 -1.89 9.19
N VAL A 127 2.40 -0.85 8.52
CA VAL A 127 2.70 -0.92 7.09
C VAL A 127 3.83 -1.93 6.90
N LEU A 128 4.89 -1.75 7.67
CA LEU A 128 5.96 -2.71 7.69
C LEU A 128 5.52 -4.16 7.86
N GLU A 129 4.64 -4.42 8.83
CA GLU A 129 4.11 -5.78 8.98
C GLU A 129 3.42 -6.25 7.69
N ALA A 130 2.55 -5.40 7.13
CA ALA A 130 1.82 -5.73 5.89
C ALA A 130 2.74 -6.07 4.71
N VAL A 131 3.78 -5.26 4.54
CA VAL A 131 4.69 -5.44 3.42
C VAL A 131 5.52 -6.71 3.60
N ARG A 132 5.97 -6.95 4.83
CA ARG A 132 6.58 -8.24 5.20
C ARG A 132 5.70 -9.42 4.85
N HIS A 133 4.42 -9.36 5.23
CA HIS A 133 3.53 -10.45 4.93
C HIS A 133 3.44 -10.71 3.42
N CYS A 134 3.30 -9.64 2.61
CA CYS A 134 3.29 -9.75 1.17
C CYS A 134 4.58 -10.34 0.63
N HIS A 135 5.73 -9.77 1.05
CA HIS A 135 7.06 -10.24 0.62
C HIS A 135 7.15 -11.75 0.93
N ASN A 136 6.74 -12.10 2.13
CA ASN A 136 6.54 -13.48 2.52
C ASN A 136 5.71 -14.39 1.65
N CYS A 137 4.56 -13.91 1.21
CA CYS A 137 3.70 -14.68 0.33
C CYS A 137 4.15 -14.63 -1.12
N GLY A 138 5.37 -14.14 -1.35
CA GLY A 138 5.96 -13.99 -2.69
C GLY A 138 5.36 -12.90 -3.57
N VAL A 139 4.68 -11.93 -2.94
CA VAL A 139 4.08 -10.78 -3.60
C VAL A 139 4.83 -9.48 -3.28
N LEU A 140 4.94 -8.63 -4.29
CA LEU A 140 5.50 -7.31 -4.17
C LEU A 140 4.46 -6.28 -4.68
N HIS A 141 4.02 -5.36 -3.81
CA HIS A 141 2.93 -4.40 -4.12
C HIS A 141 3.34 -3.35 -5.15
N ARG A 142 4.52 -2.74 -4.97
CA ARG A 142 5.11 -1.80 -5.94
C ARG A 142 4.44 -0.42 -6.09
N ASP A 143 3.55 -0.10 -5.16
CA ASP A 143 2.90 1.21 -5.14
C ASP A 143 2.44 1.65 -3.75
N ILE A 144 3.26 1.34 -2.75
CA ILE A 144 2.96 1.70 -1.37
C ILE A 144 2.92 3.22 -1.30
N LYS A 145 1.78 3.75 -0.85
CA LYS A 145 1.64 5.18 -0.64
C LYS A 145 0.38 5.44 0.12
N ASP A 146 0.27 6.64 0.68
CA ASP A 146 -0.83 6.98 1.59
C ASP A 146 -2.21 6.62 1.04
N GLU A 147 -2.39 6.69 -0.28
CA GLU A 147 -3.71 6.44 -0.81
C GLU A 147 -4.01 4.96 -1.08
N ASN A 148 -2.99 4.12 -0.96
CA ASN A 148 -3.24 2.66 -0.96
C ASN A 148 -3.27 2.05 0.43
N ILE A 149 -3.49 2.91 1.43
CA ILE A 149 -3.59 2.46 2.81
C ILE A 149 -4.95 2.90 3.37
N LEU A 150 -5.77 1.93 3.75
CA LEU A 150 -7.01 2.24 4.41
C LEU A 150 -6.81 2.10 5.90
N ILE A 151 -7.47 3.00 6.65
CA ILE A 151 -7.49 2.96 8.11
C ILE A 151 -8.88 2.54 8.56
N ASP A 152 -8.95 1.44 9.28
CA ASP A 152 -10.13 1.09 10.02
C ASP A 152 -10.18 2.03 11.24
N LEU A 153 -10.96 3.10 11.12
CA LEU A 153 -11.03 4.11 12.17
C LEU A 153 -11.30 3.60 13.62
N ASN A 154 -11.99 2.47 13.76
CA ASN A 154 -12.35 2.00 15.10
C ASN A 154 -11.25 1.23 15.81
N ARG A 155 -10.65 0.28 15.09
CA ARG A 155 -9.65 -0.61 15.64
C ARG A 155 -8.23 -0.07 15.50
N GLY A 156 -8.10 1.05 14.80
CA GLY A 156 -6.80 1.64 14.47
C GLY A 156 -5.93 0.71 13.63
N GLU A 157 -6.57 -0.14 12.82
CA GLU A 157 -5.84 -1.07 11.96
C GLU A 157 -5.69 -0.51 10.53
N LEU A 158 -4.45 -0.55 10.02
CA LEU A 158 -4.18 -0.12 8.67
C LEU A 158 -4.31 -1.31 7.72
N LYS A 159 -4.72 -1.06 6.47
CA LYS A 159 -4.82 -2.13 5.45
C LYS A 159 -4.40 -1.74 4.03
N LEU A 160 -3.63 -2.60 3.35
CA LEU A 160 -3.15 -2.29 2.01
C LEU A 160 -4.16 -2.62 0.95
N ILE A 161 -4.28 -1.83 -0.11
CA ILE A 161 -5.42 -2.07 -1.00
C ILE A 161 -5.25 -2.38 -2.48
N ASP A 162 -4.28 -1.75 -3.11
CA ASP A 162 -4.35 -1.83 -4.55
C ASP A 162 -3.16 -2.60 -5.17
N PHE A 163 -3.39 -3.86 -5.53
CA PHE A 163 -2.31 -4.68 -6.10
C PHE A 163 -2.16 -4.59 -7.60
N GLY A 164 -2.87 -3.62 -8.18
CA GLY A 164 -2.88 -3.42 -9.62
C GLY A 164 -1.56 -3.23 -10.34
N SER A 165 -0.52 -2.75 -9.65
CA SER A 165 0.82 -2.61 -10.24
C SER A 165 1.76 -3.59 -9.57
N GLY A 166 1.18 -4.55 -8.84
CA GLY A 166 1.95 -5.59 -8.19
C GLY A 166 2.69 -6.51 -9.16
N ALA A 167 3.53 -7.37 -8.60
CA ALA A 167 4.28 -8.39 -9.35
C ALA A 167 4.68 -9.45 -8.36
N LEU A 168 4.91 -10.66 -8.85
CA LEU A 168 5.52 -11.69 -8.01
C LEU A 168 6.93 -11.27 -7.63
N LEU A 169 7.26 -11.51 -6.36
CA LEU A 169 8.59 -11.23 -5.85
C LEU A 169 9.61 -12.19 -6.49
N LYS A 170 10.75 -11.65 -6.90
CA LYS A 170 11.79 -12.42 -7.53
C LYS A 170 13.07 -11.66 -7.24
N ASP A 171 14.21 -12.32 -7.33
CA ASP A 171 15.48 -11.73 -6.88
C ASP A 171 16.26 -11.06 -8.00
N THR A 172 15.76 -11.17 -9.22
CA THR A 172 16.41 -10.54 -10.35
C THR A 172 15.81 -9.15 -10.57
N VAL A 173 16.39 -8.40 -11.50
CA VAL A 173 16.04 -7.01 -11.73
C VAL A 173 14.64 -6.84 -12.33
N TYR A 174 13.98 -5.73 -12.00
CA TYR A 174 12.70 -5.36 -12.60
C TYR A 174 12.95 -4.24 -13.59
N THR A 175 12.33 -4.33 -14.76
CA THR A 175 12.50 -3.30 -15.76
C THR A 175 11.17 -2.65 -16.19
N ASP A 176 10.09 -2.91 -15.46
CA ASP A 176 8.81 -2.24 -15.68
C ASP A 176 8.38 -1.58 -14.36
N PHE A 177 7.69 -0.45 -14.45
CA PHE A 177 7.14 0.18 -13.25
C PHE A 177 5.85 0.91 -13.53
N ASP A 178 4.86 0.70 -12.69
CA ASP A 178 3.57 1.32 -12.95
C ASP A 178 3.06 2.18 -11.83
N GLY A 179 3.65 2.04 -10.65
CA GLY A 179 3.34 2.93 -9.54
C GLY A 179 3.60 4.39 -9.88
N THR A 180 3.31 5.27 -8.94
CA THR A 180 3.46 6.71 -9.17
C THR A 180 4.91 7.16 -9.24
N ARG A 181 5.18 8.10 -10.13
CA ARG A 181 6.54 8.53 -10.36
C ARG A 181 7.22 9.16 -9.13
N VAL A 182 6.57 10.16 -8.55
CA VAL A 182 7.12 10.87 -7.41
C VAL A 182 7.55 9.90 -6.31
N TYR A 183 7.06 8.67 -6.40
CA TYR A 183 7.31 7.63 -5.39
C TYR A 183 8.37 6.58 -5.83
N SER A 184 8.86 6.76 -7.07
CA SER A 184 9.79 5.80 -7.69
C SER A 184 11.25 6.14 -7.34
N PRO A 185 12.05 5.12 -7.04
CA PRO A 185 13.43 5.25 -6.59
C PRO A 185 14.40 5.84 -7.64
N PRO A 186 15.53 6.40 -7.18
CA PRO A 186 16.43 7.01 -8.17
C PRO A 186 17.00 6.01 -9.22
N GLU A 187 17.20 4.75 -8.85
CA GLU A 187 17.68 3.73 -9.82
C GLU A 187 16.69 3.51 -10.97
N TRP A 188 15.40 3.69 -10.71
CA TRP A 188 14.40 3.63 -11.77
C TRP A 188 14.51 4.85 -12.67
N ILE A 189 14.59 6.04 -12.05
CA ILE A 189 14.63 7.26 -12.82
C ILE A 189 15.82 7.19 -13.79
N ARG A 190 17.01 6.85 -13.26
CA ARG A 190 18.24 6.84 -14.03
C ARG A 190 18.39 5.66 -14.99
N TYR A 191 18.07 4.44 -14.55
CA TYR A 191 18.47 3.28 -15.35
C TYR A 191 17.33 2.41 -15.89
N HIS A 192 16.10 2.79 -15.56
CA HIS A 192 14.94 1.96 -15.86
C HIS A 192 15.06 0.52 -15.35
N ARG A 193 15.66 0.36 -14.18
CA ARG A 193 15.81 -0.94 -13.53
C ARG A 193 15.93 -0.81 -12.01
N TYR A 194 15.38 -1.77 -11.27
CA TYR A 194 15.39 -1.82 -9.79
C TYR A 194 15.23 -3.25 -9.29
N HIS A 195 15.56 -3.48 -8.02
CA HIS A 195 15.17 -4.71 -7.32
C HIS A 195 14.01 -4.43 -6.33
N GLY A 196 13.15 -5.42 -6.10
CA GLY A 196 11.93 -5.23 -5.29
C GLY A 196 12.10 -4.69 -3.88
N ARG A 197 12.78 -5.45 -3.03
CA ARG A 197 13.00 -5.07 -1.64
C ARG A 197 13.51 -3.66 -1.51
N SER A 198 14.66 -3.37 -2.09
CA SER A 198 15.25 -2.03 -1.96
C SER A 198 14.35 -0.90 -2.50
N ALA A 199 13.61 -1.16 -3.57
CA ALA A 199 12.70 -0.16 -4.09
C ALA A 199 11.51 0.04 -3.12
N ALA A 200 11.02 -1.05 -2.54
CA ALA A 200 10.00 -0.97 -1.52
C ALA A 200 10.46 -0.09 -0.34
N VAL A 201 11.73 -0.23 0.02
CA VAL A 201 12.24 0.46 1.19
C VAL A 201 12.29 1.95 0.87
N TRP A 202 12.70 2.27 -0.34
CA TRP A 202 12.67 3.64 -0.81
C TRP A 202 11.28 4.27 -0.67
N SER A 203 10.27 3.61 -1.22
CA SER A 203 8.91 4.12 -1.17
C SER A 203 8.42 4.22 0.28
N LEU A 204 8.85 3.26 1.12
CA LEU A 204 8.56 3.35 2.55
C LEU A 204 9.17 4.60 3.20
N GLY A 205 10.36 4.96 2.76
CA GLY A 205 10.93 6.23 3.17
C GLY A 205 10.09 7.42 2.73
N ILE A 206 9.54 7.36 1.52
CA ILE A 206 8.67 8.44 1.04
C ILE A 206 7.41 8.48 1.93
N LEU A 207 6.86 7.29 2.20
CA LEU A 207 5.66 7.21 3.00
C LEU A 207 5.91 7.81 4.38
N LEU A 208 7.06 7.49 4.97
CA LEU A 208 7.33 7.96 6.32
C LEU A 208 7.50 9.48 6.35
N TYR A 209 8.22 10.05 5.40
CA TYR A 209 8.40 11.51 5.35
C TYR A 209 7.03 12.16 5.24
N ASP A 210 6.19 11.62 4.38
CA ASP A 210 4.86 12.13 4.17
C ASP A 210 4.08 12.16 5.49
N MET A 211 4.03 11.01 6.16
CA MET A 211 3.35 10.92 7.46
C MET A 211 3.75 12.04 8.40
N VAL A 212 5.04 12.25 8.57
CA VAL A 212 5.51 13.26 9.52
C VAL A 212 5.61 14.70 9.00
N CYS A 213 5.54 14.89 7.68
CA CYS A 213 5.74 16.25 7.13
C CYS A 213 4.52 16.85 6.47
N GLY A 214 3.49 16.04 6.27
CA GLY A 214 2.26 16.51 5.64
C GLY A 214 2.36 16.38 4.15
N ASP A 215 3.59 16.33 3.65
CA ASP A 215 3.88 16.34 2.23
C ASP A 215 4.95 15.29 1.82
N ILE A 216 5.06 14.99 0.52
CA ILE A 216 6.14 14.13 0.01
C ILE A 216 7.42 14.95 -0.23
N PRO A 217 8.61 14.29 -0.17
CA PRO A 217 9.85 15.07 -0.21
C PRO A 217 10.24 15.60 -1.59
N PHE A 218 10.10 14.75 -2.63
CA PHE A 218 10.55 15.08 -3.97
C PHE A 218 9.38 15.16 -4.93
N GLU A 219 9.53 16.05 -5.91
CA GLU A 219 8.55 16.18 -6.97
C GLU A 219 9.14 15.82 -8.33
N HIS A 220 10.24 16.47 -8.73
CA HIS A 220 10.82 16.31 -10.05
C HIS A 220 11.99 15.36 -10.04
N ASP A 221 12.22 14.73 -11.18
CA ASP A 221 13.29 13.79 -11.33
C ASP A 221 14.62 14.24 -10.72
N GLU A 222 15.03 15.49 -10.94
CA GLU A 222 16.32 15.99 -10.44
C GLU A 222 16.39 16.02 -8.91
N GLU A 223 15.23 16.20 -8.27
CA GLU A 223 15.15 16.16 -6.81
C GLU A 223 15.26 14.72 -6.29
N ILE A 224 14.61 13.78 -6.99
CA ILE A 224 14.73 12.35 -6.68
C ILE A 224 16.18 11.89 -6.85
N ILE A 225 16.79 12.20 -7.99
CA ILE A 225 18.17 11.80 -8.28
C ILE A 225 19.19 12.42 -7.32
N ARG A 226 18.94 13.67 -6.93
CA ARG A 226 19.75 14.38 -5.95
C ARG A 226 19.60 13.75 -4.52
N GLY A 227 18.37 13.45 -4.12
CA GLY A 227 18.13 12.66 -2.92
C GLY A 227 18.29 13.42 -1.62
N GLN A 228 18.31 14.75 -1.71
CA GLN A 228 18.47 15.62 -0.56
C GLN A 228 17.11 15.91 0.09
N VAL A 229 17.05 15.72 1.40
CA VAL A 229 15.79 15.66 2.11
C VAL A 229 15.70 16.87 3.02
N PHE A 230 14.73 17.75 2.76
CA PHE A 230 14.52 18.88 3.66
C PHE A 230 13.26 18.76 4.48
N PHE A 231 13.39 19.03 5.78
CA PHE A 231 12.27 18.98 6.71
C PHE A 231 11.65 20.34 6.91
N ARG A 232 10.35 20.41 6.58
CA ARG A 232 9.56 21.63 6.68
C ARG A 232 8.81 21.64 8.01
N GLN A 233 9.02 20.59 8.79
CA GLN A 233 8.34 20.40 10.04
C GLN A 233 9.34 19.97 11.15
N ARG A 234 9.05 20.29 12.41
CA ARG A 234 9.86 19.72 13.51
C ARG A 234 9.72 18.20 13.53
N VAL A 235 10.84 17.48 13.41
CA VAL A 235 10.87 16.01 13.39
C VAL A 235 12.13 15.59 14.10
N SER A 236 12.05 14.55 14.92
CA SER A 236 13.04 14.22 15.92
C SER A 236 14.46 13.91 15.41
N SEP A 237 15.55 14.20 16.05
CA SEP A 237 16.74 13.73 15.35
CB SEP A 237 17.94 13.95 16.25
OG SEP A 237 18.04 15.35 16.49
C SEP A 237 16.62 12.32 14.78
O SEP A 237 17.34 11.98 13.85
P SEP A 237 17.79 15.99 17.94
O1P SEP A 237 17.97 17.45 17.83
O2P SEP A 237 18.87 15.35 18.77
O3P SEP A 237 16.39 15.54 18.19
N GLU A 238 15.76 11.48 15.28
CA GLU A 238 15.78 10.06 14.94
C GLU A 238 14.91 9.58 13.83
N CYS A 239 13.79 10.24 13.61
CA CYS A 239 12.92 9.91 12.53
C CYS A 239 13.64 10.36 11.29
N GLN A 240 14.26 11.51 11.40
CA GLN A 240 15.02 12.06 10.28
C GLN A 240 16.07 11.08 9.80
N HIS A 241 16.72 10.41 10.74
CA HIS A 241 17.73 9.43 10.39
C HIS A 241 17.14 8.22 9.65
N LEU A 242 16.08 7.62 10.21
CA LEU A 242 15.40 6.50 9.57
C LEU A 242 14.90 6.85 8.16
N ILE A 243 14.23 8.00 8.03
CA ILE A 243 13.81 8.48 6.74
C ILE A 243 15.01 8.56 5.78
N ARG A 244 16.10 9.15 6.25
CA ARG A 244 17.25 9.37 5.37
C ARG A 244 17.91 8.07 4.90
N TRP A 245 17.91 7.08 5.79
CA TRP A 245 18.47 5.77 5.55
C TRP A 245 17.66 5.02 4.47
N CYS A 246 16.33 4.99 4.62
CA CYS A 246 15.42 4.48 3.59
C CYS A 246 15.59 5.17 2.23
N LEU A 247 15.94 6.46 2.26
CA LEU A 247 16.06 7.23 1.03
C LEU A 247 17.50 7.41 0.58
N ALA A 248 18.43 6.61 1.13
CA ALA A 248 19.79 6.47 0.58
C ALA A 248 19.72 6.25 -0.93
N LEU A 249 20.59 6.96 -1.67
CA LEU A 249 20.60 6.91 -3.14
C LEU A 249 21.04 5.57 -3.69
N ARG A 250 22.08 4.99 -3.11
CA ARG A 250 22.53 3.69 -3.54
C ARG A 250 21.66 2.60 -2.88
N PRO A 251 20.94 1.78 -3.70
CA PRO A 251 20.08 0.76 -3.08
C PRO A 251 20.73 -0.01 -1.92
N SER A 252 21.94 -0.54 -2.12
CA SER A 252 22.59 -1.35 -1.08
C SER A 252 22.82 -0.61 0.25
N ASP A 253 22.67 0.72 0.26
CA ASP A 253 22.82 1.50 1.50
C ASP A 253 21.51 1.65 2.27
N ARG A 254 20.41 1.17 1.68
CA ARG A 254 19.11 1.19 2.34
C ARG A 254 19.00 0.06 3.37
N PRO A 255 18.12 0.24 4.37
CA PRO A 255 17.96 -0.84 5.32
C PRO A 255 17.02 -1.93 4.81
N THR A 256 17.18 -3.12 5.39
CA THR A 256 16.26 -4.24 5.25
C THR A 256 15.05 -3.93 6.13
N PHE A 257 13.99 -4.71 5.95
CA PHE A 257 12.80 -4.56 6.79
C PHE A 257 13.14 -4.69 8.25
N GLU A 258 13.98 -5.68 8.53
CA GLU A 258 14.38 -5.97 9.90
C GLU A 258 15.12 -4.81 10.53
N GLU A 259 16.07 -4.25 9.79
CA GLU A 259 16.79 -3.09 10.30
C GLU A 259 15.90 -1.90 10.54
N ILE A 260 14.89 -1.69 9.68
CA ILE A 260 13.92 -0.61 9.87
C ILE A 260 13.21 -0.86 11.19
N GLN A 261 12.70 -2.08 11.35
CA GLN A 261 11.95 -2.43 12.56
C GLN A 261 12.78 -2.48 13.84
N ASN A 262 14.11 -2.56 13.70
CA ASN A 262 15.00 -2.46 14.86
C ASN A 262 15.60 -1.08 15.02
N HIS A 263 15.09 -0.13 14.25
CA HIS A 263 15.59 1.21 14.36
C HIS A 263 15.15 1.83 15.71
N PRO A 264 16.06 2.53 16.39
CA PRO A 264 15.71 3.23 17.62
C PRO A 264 14.32 3.89 17.59
N TRP A 265 13.98 4.56 16.48
CA TRP A 265 12.70 5.27 16.35
C TRP A 265 11.48 4.34 16.30
N MET A 266 11.70 3.08 15.98
CA MET A 266 10.62 2.12 15.88
C MET A 266 10.35 1.44 17.22
N GLN A 267 11.06 1.84 18.28
CA GLN A 267 10.87 1.25 19.64
C GLN A 267 9.56 1.65 20.32
N ASP A 268 8.99 0.72 21.09
CA ASP A 268 7.77 0.97 21.86
C ASP A 268 6.61 1.51 21.02
N VAL A 269 6.38 0.84 19.90
CA VAL A 269 5.22 1.11 19.05
C VAL A 269 3.96 0.82 19.87
N LEU A 270 2.90 1.56 19.60
CA LEU A 270 1.61 1.32 20.22
C LEU A 270 0.88 0.19 19.49
N LEU A 271 -0.03 -0.47 20.19
CA LEU A 271 -0.96 -1.43 19.55
C LEU A 271 -2.10 -0.69 18.82
N PRO A 272 -2.69 -1.31 17.78
CA PRO A 272 -3.70 -0.56 17.01
C PRO A 272 -4.85 -0.05 17.86
N GLN A 273 -5.38 -0.87 18.76
CA GLN A 273 -6.46 -0.45 19.66
C GLN A 273 -6.12 0.86 20.42
N GLU A 274 -5.01 0.87 21.16
CA GLU A 274 -4.61 2.07 21.90
C GLU A 274 -4.29 3.25 20.99
N THR A 275 -3.89 2.95 19.75
CA THR A 275 -3.66 3.98 18.76
C THR A 275 -4.98 4.66 18.47
N ALA A 276 -6.02 3.87 18.25
CA ALA A 276 -7.33 4.43 17.98
C ALA A 276 -7.84 5.23 19.19
N GLU A 277 -7.73 4.65 20.38
CA GLU A 277 -8.17 5.32 21.61
C GLU A 277 -7.57 6.71 21.76
N ILE A 278 -6.23 6.79 21.64
CA ILE A 278 -5.47 8.02 21.77
C ILE A 278 -5.63 8.98 20.60
N HIS A 279 -5.61 8.45 19.37
CA HIS A 279 -5.52 9.31 18.19
C HIS A 279 -6.72 9.32 17.26
N LEU A 280 -7.68 8.40 17.45
CA LEU A 280 -8.86 8.38 16.55
C LEU A 280 -10.21 8.57 17.26
N HIS A 281 -10.36 8.05 18.49
CA HIS A 281 -11.49 8.42 19.37
C HIS A 281 -11.17 9.75 20.05
OAC MIX B . -2.20 4.80 -7.13
CAK MIX B . -3.34 4.02 -7.48
CAM MIX B . -4.58 4.58 -6.80
NAS MIX B . -5.16 3.59 -5.93
CAO MIX B . -6.57 3.63 -5.62
CAQ MIX B . -7.11 2.27 -5.20
NAU MIX B . -8.56 2.10 -5.39
CAY MIX B . -9.42 2.66 -4.50
CAI MIX B . -9.75 4.04 -4.55
CAJ MIX B . -10.64 4.65 -3.64
CBE MIX B . -10.05 1.80 -3.45
CBA MIX B . -9.75 0.34 -3.33
OAA MIX B . -8.96 -0.19 -4.14
CBC MIX B . -10.39 -0.45 -2.24
CAW MIX B . -10.16 -1.92 -2.07
OAE MIX B . -9.29 -2.59 -2.92
CAG MIX B . -10.81 -2.60 -1.02
CAH MIX B . -11.69 -1.96 -0.14
CAX MIX B . -11.98 -0.60 -0.25
OAF MIX B . -12.81 0.02 0.61
CBD MIX B . -11.33 0.21 -1.31
CBB MIX B . -11.63 1.65 -1.43
OAB MIX B . -12.42 2.19 -0.64
CBF MIX B . -10.99 2.46 -2.50
CAZ MIX B . -11.27 3.91 -2.64
NAV MIX B . -12.10 4.52 -1.77
CAR MIX B . -11.60 4.69 -0.41
CAP MIX B . -12.37 5.71 0.42
NAT MIX B . -11.79 7.03 0.23
CAN MIX B . -12.41 8.15 0.91
CAL MIX B . -12.08 8.15 2.39
OAD MIX B . -10.68 8.37 2.47
OAC MIX C . 8.93 19.60 -4.48
CAK MIX C . 8.35 19.89 -3.20
CAM MIX C . 7.76 18.60 -2.66
NAS MIX C . 6.31 18.47 -2.85
CAO MIX C . 5.64 18.75 -4.12
CAQ MIX C . 4.94 17.52 -4.70
NAU MIX C . 3.49 17.54 -4.73
CAY MIX C . 2.83 16.50 -4.14
CAI MIX C . 2.64 16.57 -2.77
CAJ MIX C . 2.00 15.58 -2.04
CBE MIX C . 2.34 15.29 -4.90
CBA MIX C . 2.50 15.14 -6.39
OAA MIX C . 3.09 16.03 -7.05
CBC MIX C . 2.00 13.90 -7.09
CAW MIX C . 2.13 13.69 -8.57
OAE MIX C . 2.76 14.64 -9.31
CAG MIX C . 1.65 12.53 -9.21
CAH MIX C . 1.02 11.52 -8.49
CAX MIX C . 0.82 11.61 -7.10
OAF MIX C . 0.19 10.58 -6.49
CBD MIX C . 1.31 12.81 -6.32
CBB MIX C . 1.13 12.96 -4.84
OAB MIX C . 0.57 12.05 -4.19
CBF MIX C . 1.65 14.20 -4.12
CAZ MIX C . 1.50 14.40 -2.64
NAV MIX C . 0.90 13.48 -1.84
CAR MIX C . -0.08 13.87 -0.83
CAP MIX C . 0.31 13.47 0.59
NAT MIX C . -0.84 13.43 1.49
CAN MIX C . -1.22 14.62 2.24
CAL MIX C . -2.16 15.56 1.49
OAD MIX C . -1.65 16.90 1.46
#